data_4ROD
#
_entry.id   4ROD
#
_cell.length_a   77.040
_cell.length_b   91.377
_cell.length_c   102.934
_cell.angle_alpha   90.00
_cell.angle_beta   90.00
_cell.angle_gamma   90.00
#
_symmetry.space_group_name_H-M   'P 21 21 21'
#
loop_
_entity.id
_entity.type
_entity.pdbx_description
1 polymer 'Transcription factor IIIB 50 kDa subunit'
2 polymer 'TATA-box-binding protein'
3 polymer 'Template strand'
4 polymer 'Non-template strand'
5 water water
#
loop_
_entity_poly.entity_id
_entity_poly.type
_entity_poly.pdbx_seq_one_letter_code
_entity_poly.pdbx_strand_id
1 'polypeptide(L)'
;GPNEQVSRSQQRGLRRVRDLCRVLQLPPTFEDTAVAYYQQAYRHSGIRAARLQKKEVLVGCCVLITCRQHNWPLTMGAIC
TLLYADLDVFSSTYMQIVKLLGLDVPSLCLAELVKTYCSSFKLFQASPSVPAKYVEDKEKMLSRTMQLVELANETWLVTG
RHPLPVITAATFLAWQSLQPADRLSCSLARFCKLANVDLPYPASSRLQELLAVLLRMAEQLAWLRVLRLDKRSVVKHIGD
LLQHRQSLVRSAFRDGTAEVETREKEPPGWGQGQGEGEVGNNSLGLPQGKRPASPALLLPPCMLKSPKRICPVPPVSTVT
GDENISDSEIEQYLRTPQEVRDFQRAQAARQAATSVPNPP
;
A
2 'polypeptide(L)'
;GPSGIVPQLQNIVSTVNLGCKLDLKTIALRARNAEYNPKRFAAVIMRIREPRTTALIFSSGKMVCTGAKSEEQSRLAARK
YARVVQKLGFPAKFLDFKIQNMVGSCDVKFPIRLEGLVLTHQQFSSYEPELFPGLIYRMIKPRIVLLIFVSGKVVLTGAK
VRAEIYEAFENIYPILKGFRKTT
;
B
3 'polydeoxyribonucleotide'
;(DT)(DT)(DT)(DT)(DG)(DC)(DG)(DA)(DT)(DC)(DC)(DT)(DT)(DA)(DT)(DA)(DT)(DA)(DG)(DC)
(DT)(DG)(DC)(DG)(DC)(DG)(DG)(DG)
;
N
4 'polydeoxyribonucleotide'
;(DC)(DC)(DC)(DG)(DC)(DG)(DC)(DA)(DG)(DC)(DT)(DA)(DT)(DA)(DT)(DA)(DA)(DG)(DG)(DA)
(DT)(DC)(DG)(DC)(DA)(DA)(DA)(DA)
;
T
#
loop_
_chem_comp.id
_chem_comp.type
_chem_comp.name
_chem_comp.formula
DA DNA linking 2'-DEOXYADENOSINE-5'-MONOPHOSPHATE 'C10 H14 N5 O6 P'
DC DNA linking 2'-DEOXYCYTIDINE-5'-MONOPHOSPHATE 'C9 H14 N3 O7 P'
DG DNA linking 2'-DEOXYGUANOSINE-5'-MONOPHOSPHATE 'C10 H14 N5 O7 P'
DT DNA linking THYMIDINE-5'-MONOPHOSPHATE 'C10 H15 N2 O8 P'
#
# COMPACT_ATOMS: atom_id res chain seq x y z
N SER A 7 -3.44 -5.87 35.56
CA SER A 7 -2.52 -6.69 34.79
C SER A 7 -1.10 -6.09 34.82
N ARG A 8 -0.07 -6.93 35.09
CA ARG A 8 1.35 -6.52 35.11
C ARG A 8 1.78 -5.99 33.74
N SER A 9 1.23 -6.54 32.62
CA SER A 9 1.56 -6.06 31.26
C SER A 9 0.84 -4.74 30.94
N GLN A 10 -0.29 -4.47 31.64
CA GLN A 10 -1.06 -3.24 31.46
C GLN A 10 -0.37 -2.08 32.18
N GLN A 11 0.08 -2.31 33.43
CA GLN A 11 0.80 -1.34 34.25
C GLN A 11 2.15 -0.97 33.61
N ARG A 12 2.84 -1.96 33.01
CA ARG A 12 4.11 -1.78 32.28
C ARG A 12 3.87 -0.94 31.02
N GLY A 13 2.73 -1.18 30.35
CA GLY A 13 2.31 -0.48 29.15
C GLY A 13 2.00 0.98 29.40
N LEU A 14 1.26 1.28 30.49
CA LEU A 14 0.89 2.64 30.90
C LEU A 14 2.13 3.45 31.31
N ARG A 15 3.12 2.78 31.94
CA ARG A 15 4.39 3.39 32.32
C ARG A 15 5.18 3.77 31.06
N ARG A 16 5.19 2.87 30.03
CA ARG A 16 5.88 3.08 28.75
C ARG A 16 5.25 4.22 27.96
N VAL A 17 3.90 4.35 28.01
CA VAL A 17 3.12 5.42 27.35
C VAL A 17 3.58 6.78 27.90
N ARG A 18 3.67 6.90 29.24
CA ARG A 18 4.09 8.12 29.94
C ARG A 18 5.53 8.48 29.61
N ASP A 19 6.44 7.48 29.57
CA ASP A 19 7.85 7.66 29.22
C ASP A 19 8.03 8.12 27.78
N LEU A 20 7.22 7.59 26.84
CA LEU A 20 7.27 7.98 25.43
C LEU A 20 6.87 9.46 25.27
N CYS A 21 5.80 9.89 25.95
CA CYS A 21 5.30 11.27 25.91
C CYS A 21 6.36 12.25 26.44
N ARG A 22 7.09 11.88 27.50
CA ARG A 22 8.13 12.70 28.12
C ARG A 22 9.39 12.77 27.24
N VAL A 23 9.72 11.68 26.53
CA VAL A 23 10.87 11.60 25.62
C VAL A 23 10.60 12.49 24.41
N LEU A 24 9.35 12.47 23.92
CA LEU A 24 8.90 13.25 22.77
C LEU A 24 8.65 14.73 23.11
N GLN A 25 8.71 15.09 24.42
CA GLN A 25 8.50 16.44 24.98
C GLN A 25 7.15 17.02 24.51
N LEU A 26 6.10 16.19 24.61
CA LEU A 26 4.73 16.53 24.26
C LEU A 26 4.10 17.43 25.32
N PRO A 27 3.10 18.30 24.97
CA PRO A 27 2.42 19.10 26.01
C PRO A 27 1.80 18.22 27.11
N PRO A 28 1.61 18.75 28.35
CA PRO A 28 1.15 17.91 29.48
C PRO A 28 -0.18 17.16 29.34
N THR A 29 -1.15 17.71 28.58
CA THR A 29 -2.50 17.13 28.36
C THR A 29 -2.49 15.83 27.52
N PHE A 30 -1.46 15.65 26.67
CA PHE A 30 -1.33 14.52 25.75
C PHE A 30 -1.18 13.20 26.47
N GLU A 31 -0.32 13.14 27.50
CA GLU A 31 -0.03 11.95 28.31
C GLU A 31 -1.33 11.25 28.81
N ASP A 32 -2.25 12.01 29.41
CA ASP A 32 -3.52 11.53 29.96
C ASP A 32 -4.39 10.86 28.89
N THR A 33 -4.58 11.53 27.74
CA THR A 33 -5.38 11.06 26.60
C THR A 33 -4.82 9.74 26.03
N ALA A 34 -3.48 9.63 25.89
CA ALA A 34 -2.79 8.45 25.36
C ALA A 34 -2.90 7.27 26.32
N VAL A 35 -2.87 7.55 27.66
CA VAL A 35 -3.02 6.56 28.74
C VAL A 35 -4.45 5.99 28.69
N ALA A 36 -5.45 6.86 28.49
CA ALA A 36 -6.87 6.52 28.38
C ALA A 36 -7.16 5.64 27.15
N TYR A 37 -6.44 5.87 26.02
CA TYR A 37 -6.60 5.08 24.80
C TYR A 37 -6.03 3.67 24.99
N TYR A 38 -4.89 3.55 25.70
CA TYR A 38 -4.22 2.25 26.00
C TYR A 38 -5.12 1.41 26.89
N GLN A 39 -5.80 2.06 27.86
CA GLN A 39 -6.73 1.43 28.79
C GLN A 39 -7.97 0.91 28.04
N GLN A 40 -8.53 1.74 27.14
CA GLN A 40 -9.69 1.45 26.27
C GLN A 40 -9.39 0.25 25.36
N ALA A 41 -8.15 0.21 24.84
CA ALA A 41 -7.63 -0.85 24.00
C ALA A 41 -7.55 -2.18 24.75
N TYR A 42 -7.04 -2.16 26.02
CA TYR A 42 -6.84 -3.35 26.86
C TYR A 42 -8.13 -4.08 27.22
N ARG A 43 -9.29 -3.39 27.14
CA ARG A 43 -10.61 -3.96 27.42
C ARG A 43 -11.04 -4.99 26.35
N HIS A 44 -10.47 -4.90 25.12
CA HIS A 44 -10.78 -5.82 24.03
C HIS A 44 -9.88 -7.06 24.08
N SER A 45 -10.50 -8.26 23.93
CA SER A 45 -9.85 -9.58 23.98
C SER A 45 -8.76 -9.78 22.90
N GLY A 46 -8.94 -9.16 21.73
CA GLY A 46 -7.98 -9.23 20.65
C GLY A 46 -6.63 -8.59 20.98
N ILE A 47 -6.65 -7.56 21.85
CA ILE A 47 -5.49 -6.81 22.32
C ILE A 47 -4.84 -7.54 23.51
N ARG A 48 -5.68 -8.01 24.44
CA ARG A 48 -5.25 -8.78 25.60
C ARG A 48 -4.46 -10.01 25.18
N ALA A 49 -4.90 -10.71 24.09
CA ALA A 49 -4.31 -11.97 23.56
C ALA A 49 -3.11 -11.75 22.65
N ALA A 50 -2.78 -10.51 22.34
CA ALA A 50 -1.66 -10.19 21.46
C ALA A 50 -0.28 -10.42 22.11
N ARG A 51 0.74 -10.62 21.26
CA ARG A 51 2.15 -10.84 21.64
C ARG A 51 2.69 -9.66 22.40
N LEU A 52 3.79 -9.86 23.15
CA LEU A 52 4.38 -8.76 23.89
C LEU A 52 4.96 -7.67 22.93
N GLN A 53 5.37 -8.06 21.68
CA GLN A 53 5.82 -7.12 20.62
C GLN A 53 4.70 -6.17 20.18
N LYS A 54 3.45 -6.70 20.03
CA LYS A 54 2.27 -5.90 19.68
C LYS A 54 1.92 -4.96 20.83
N LYS A 55 2.03 -5.42 22.11
CA LYS A 55 1.76 -4.63 23.30
C LYS A 55 2.77 -3.48 23.44
N GLU A 56 4.01 -3.67 22.89
CA GLU A 56 5.06 -2.66 22.85
C GLU A 56 4.73 -1.58 21.80
N VAL A 57 4.32 -1.99 20.57
CA VAL A 57 3.96 -1.01 19.52
C VAL A 57 2.60 -0.32 19.85
N LEU A 58 1.71 -0.97 20.64
CA LEU A 58 0.41 -0.42 21.05
C LEU A 58 0.61 0.90 21.81
N VAL A 59 1.72 0.99 22.56
CA VAL A 59 2.14 2.16 23.31
C VAL A 59 2.25 3.36 22.34
N GLY A 60 2.88 3.11 21.19
CA GLY A 60 3.12 4.08 20.12
C GLY A 60 1.88 4.48 19.37
N CYS A 61 0.96 3.52 19.14
CA CYS A 61 -0.32 3.74 18.45
C CYS A 61 -1.17 4.72 19.20
N CYS A 62 -1.23 4.57 20.52
CA CYS A 62 -2.02 5.43 21.41
C CYS A 62 -1.49 6.85 21.48
N VAL A 63 -0.15 7.02 21.50
CA VAL A 63 0.54 8.32 21.49
C VAL A 63 0.35 8.97 20.11
N LEU A 64 0.43 8.18 19.00
CA LEU A 64 0.23 8.70 17.66
C LEU A 64 -1.20 9.23 17.46
N ILE A 65 -2.22 8.48 17.89
CA ILE A 65 -3.62 8.90 17.79
C ILE A 65 -3.82 10.23 18.54
N THR A 66 -3.24 10.34 19.76
CA THR A 66 -3.35 11.55 20.57
C THR A 66 -2.75 12.74 19.81
N CYS A 67 -1.54 12.56 19.25
CA CYS A 67 -0.81 13.57 18.49
C CYS A 67 -1.56 13.97 17.25
N ARG A 68 -2.15 13.01 16.51
CA ARG A 68 -2.92 13.27 15.29
C ARG A 68 -4.13 14.13 15.57
N GLN A 69 -4.80 13.94 16.72
CA GLN A 69 -5.99 14.72 17.10
C GLN A 69 -5.61 16.17 17.45
N HIS A 70 -4.37 16.40 17.93
CA HIS A 70 -3.89 17.74 18.28
C HIS A 70 -2.97 18.34 17.21
N ASN A 71 -2.90 17.69 16.01
CA ASN A 71 -2.11 18.12 14.86
C ASN A 71 -0.61 18.21 15.17
N TRP A 72 -0.14 17.39 16.14
CA TRP A 72 1.26 17.28 16.50
C TRP A 72 1.89 16.41 15.40
N PRO A 73 2.89 16.95 14.65
CA PRO A 73 3.39 16.22 13.47
C PRO A 73 4.38 15.09 13.74
N LEU A 74 3.92 14.04 14.42
CA LEU A 74 4.67 12.84 14.69
C LEU A 74 4.43 11.83 13.51
N THR A 75 5.51 11.31 12.90
CA THR A 75 5.38 10.33 11.80
C THR A 75 5.45 8.90 12.36
N MET A 76 4.88 7.92 11.65
CA MET A 76 4.89 6.51 12.09
C MET A 76 6.30 5.94 12.03
N GLY A 77 7.10 6.45 11.09
CA GLY A 77 8.50 6.10 10.98
C GLY A 77 9.31 6.58 12.17
N ALA A 78 9.06 7.81 12.64
CA ALA A 78 9.75 8.37 13.81
C ALA A 78 9.43 7.59 15.10
N ILE A 79 8.15 7.17 15.29
CA ILE A 79 7.71 6.40 16.47
C ILE A 79 8.42 5.05 16.52
N CYS A 80 8.44 4.33 15.37
CA CYS A 80 9.09 3.04 15.19
C CYS A 80 10.58 3.13 15.46
N THR A 81 11.23 4.26 15.09
CA THR A 81 12.65 4.48 15.33
C THR A 81 12.91 4.59 16.84
N LEU A 82 12.08 5.36 17.59
CA LEU A 82 12.19 5.55 19.04
C LEU A 82 11.90 4.30 19.83
N LEU A 83 10.95 3.48 19.33
CA LEU A 83 10.50 2.25 19.99
C LEU A 83 11.28 1.03 19.54
N TYR A 84 12.18 1.20 18.55
CA TYR A 84 13.02 0.17 17.93
C TYR A 84 12.12 -0.98 17.43
N ALA A 85 11.02 -0.57 16.77
CA ALA A 85 9.98 -1.44 16.25
C ALA A 85 9.94 -1.51 14.73
N ASP A 86 9.36 -2.60 14.26
CA ASP A 86 9.14 -2.87 12.86
C ASP A 86 7.94 -2.03 12.41
N LEU A 87 8.04 -1.37 11.24
CA LEU A 87 6.95 -0.54 10.73
C LEU A 87 5.72 -1.37 10.34
N ASP A 88 5.94 -2.60 9.82
CA ASP A 88 4.88 -3.52 9.41
C ASP A 88 4.04 -3.99 10.61
N VAL A 89 4.68 -4.23 11.78
CA VAL A 89 4.06 -4.63 13.05
C VAL A 89 3.27 -3.45 13.58
N PHE A 90 3.81 -2.23 13.46
CA PHE A 90 3.15 -1.00 13.86
C PHE A 90 1.92 -0.76 12.99
N SER A 91 2.04 -0.93 11.65
CA SER A 91 0.99 -0.76 10.65
C SER A 91 -0.26 -1.58 10.98
N SER A 92 -0.12 -2.91 11.17
CA SER A 92 -1.21 -3.82 11.48
C SER A 92 -1.84 -3.51 12.87
N THR A 93 -1.04 -3.12 13.88
CA THR A 93 -1.57 -2.78 15.21
C THR A 93 -2.38 -1.48 15.17
N TYR A 94 -1.91 -0.45 14.42
CA TYR A 94 -2.55 0.86 14.30
C TYR A 94 -3.90 0.73 13.62
N MET A 95 -3.96 -0.02 12.50
CA MET A 95 -5.17 -0.27 11.72
C MET A 95 -6.21 -1.03 12.54
N GLN A 96 -5.78 -1.98 13.33
CA GLN A 96 -6.62 -2.77 14.22
C GLN A 96 -7.22 -1.91 15.35
N ILE A 97 -6.41 -1.11 16.04
CA ILE A 97 -6.88 -0.30 17.17
C ILE A 97 -7.78 0.87 16.73
N VAL A 98 -7.59 1.42 15.52
CA VAL A 98 -8.42 2.52 15.00
C VAL A 98 -9.81 1.91 14.72
N LYS A 99 -9.84 0.71 14.12
CA LYS A 99 -11.04 -0.08 13.75
C LYS A 99 -11.82 -0.51 14.98
N LEU A 100 -11.09 -0.95 16.01
CA LEU A 100 -11.58 -1.46 17.28
C LEU A 100 -12.19 -0.37 18.16
N LEU A 101 -11.52 0.78 18.32
CA LEU A 101 -12.01 1.89 19.13
C LEU A 101 -13.00 2.76 18.36
N GLY A 102 -13.23 2.41 17.07
CA GLY A 102 -14.10 3.09 16.12
C GLY A 102 -13.78 4.56 15.99
N LEU A 103 -12.49 4.88 15.75
CA LEU A 103 -11.98 6.25 15.70
C LEU A 103 -11.84 6.79 14.33
N ASP A 104 -12.09 8.11 14.24
CA ASP A 104 -11.91 8.95 13.07
C ASP A 104 -10.70 9.79 13.37
N VAL A 105 -9.54 9.18 13.13
CA VAL A 105 -8.23 9.78 13.37
C VAL A 105 -7.89 10.78 12.25
N PRO A 106 -7.63 12.06 12.57
CA PRO A 106 -7.24 13.01 11.51
C PRO A 106 -5.95 12.57 10.83
N SER A 107 -5.78 12.97 9.57
CA SER A 107 -4.57 12.65 8.80
C SER A 107 -3.40 13.49 9.32
N LEU A 108 -2.14 13.07 9.02
CA LEU A 108 -0.94 13.82 9.39
C LEU A 108 -1.02 15.23 8.83
N CYS A 109 -0.76 16.24 9.68
CA CYS A 109 -0.80 17.65 9.31
C CYS A 109 0.52 18.05 8.65
N LEU A 110 0.53 18.13 7.29
CA LEU A 110 1.68 18.48 6.48
C LEU A 110 2.24 19.86 6.80
N ALA A 111 1.38 20.84 7.06
CA ALA A 111 1.79 22.21 7.39
C ALA A 111 2.64 22.22 8.65
N GLU A 112 2.22 21.48 9.69
CA GLU A 112 2.99 21.37 10.93
C GLU A 112 4.29 20.53 10.77
N LEU A 113 4.27 19.47 9.92
CA LEU A 113 5.44 18.64 9.63
C LEU A 113 6.49 19.45 8.86
N VAL A 114 6.06 20.30 7.90
CA VAL A 114 6.98 21.19 7.18
C VAL A 114 7.73 22.06 8.22
N LYS A 115 7.01 22.75 9.15
CA LYS A 115 7.63 23.59 10.19
C LYS A 115 8.65 22.82 11.07
N THR A 116 8.26 21.65 11.60
CA THR A 116 9.11 20.84 12.48
C THR A 116 10.33 20.28 11.75
N TYR A 117 10.10 19.53 10.64
CA TYR A 117 11.14 18.86 9.88
C TYR A 117 12.10 19.85 9.26
N CYS A 118 11.59 20.90 8.62
CA CYS A 118 12.41 21.92 7.97
C CYS A 118 13.36 22.61 8.97
N SER A 119 12.90 22.87 10.22
CA SER A 119 13.67 23.54 11.28
C SER A 119 14.84 22.67 11.81
N SER A 120 14.77 21.34 11.63
CA SER A 120 15.82 20.38 12.03
C SER A 120 17.05 20.44 11.06
N PHE A 121 16.86 21.04 9.85
CA PHE A 121 17.92 21.21 8.84
C PHE A 121 18.89 22.26 9.36
N LYS A 122 20.09 21.84 9.78
CA LYS A 122 21.14 22.68 10.38
C LYS A 122 21.87 23.56 9.33
N LEU A 123 21.15 24.51 8.73
CA LEU A 123 21.67 25.40 7.69
C LEU A 123 21.57 26.85 8.07
N PHE A 124 21.34 27.15 9.35
CA PHE A 124 21.09 28.53 9.77
C PHE A 124 22.32 29.21 10.36
N GLN A 125 23.40 28.43 10.59
CA GLN A 125 24.67 28.94 11.08
C GLN A 125 25.83 28.31 10.31
N ALA A 126 26.89 29.10 10.03
CA ALA A 126 28.07 28.65 9.33
C ALA A 126 28.93 27.81 10.22
N SER A 127 29.55 26.77 9.64
CA SER A 127 30.42 25.84 10.34
C SER A 127 31.41 25.24 9.34
N PRO A 128 32.48 24.50 9.76
CA PRO A 128 33.38 23.88 8.77
C PRO A 128 32.64 23.04 7.69
N SER A 129 31.48 22.40 8.02
CA SER A 129 30.68 21.58 7.10
C SER A 129 29.54 22.37 6.43
N VAL A 130 29.20 23.58 6.92
CA VAL A 130 28.19 24.45 6.33
C VAL A 130 28.88 25.80 5.96
N PRO A 131 29.48 25.93 4.74
CA PRO A 131 30.09 27.21 4.37
C PRO A 131 29.07 28.35 4.36
N ALA A 132 29.56 29.58 4.46
CA ALA A 132 28.79 30.82 4.48
C ALA A 132 27.72 30.94 3.34
N LYS A 133 28.08 30.54 2.07
CA LYS A 133 27.18 30.58 0.91
C LYS A 133 26.03 29.58 1.02
N TYR A 134 26.12 28.62 1.95
CA TYR A 134 25.11 27.57 2.14
C TYR A 134 24.16 27.90 3.29
N VAL A 135 24.50 28.92 4.10
CA VAL A 135 23.69 29.38 5.23
C VAL A 135 22.49 30.13 4.70
N GLU A 136 21.31 29.74 5.18
CA GLU A 136 20.06 30.31 4.76
C GLU A 136 19.23 30.79 5.95
N ASP A 137 18.37 31.79 5.71
CA ASP A 137 17.44 32.31 6.70
C ASP A 137 16.32 31.28 6.91
N LYS A 138 16.04 30.95 8.18
CA LYS A 138 15.02 29.97 8.60
C LYS A 138 13.63 30.36 8.12
N GLU A 139 13.25 31.64 8.22
CA GLU A 139 11.91 32.08 7.79
C GLU A 139 11.75 32.05 6.27
N LYS A 140 12.78 32.42 5.49
CA LYS A 140 12.75 32.39 4.01
C LYS A 140 12.64 30.93 3.54
N MET A 141 13.33 30.02 4.22
CA MET A 141 13.33 28.58 3.99
C MET A 141 11.95 27.99 4.21
N LEU A 142 11.32 28.23 5.37
CA LEU A 142 10.01 27.70 5.74
C LEU A 142 8.91 28.18 4.81
N SER A 143 8.89 29.47 4.50
CA SER A 143 7.91 30.08 3.61
C SER A 143 7.95 29.47 2.19
N ARG A 144 9.15 29.33 1.60
CA ARG A 144 9.29 28.76 0.26
C ARG A 144 9.06 27.23 0.27
N THR A 145 9.52 26.50 1.30
CA THR A 145 9.29 25.06 1.40
C THR A 145 7.79 24.78 1.43
N MET A 146 7.06 25.51 2.24
CA MET A 146 5.63 25.35 2.37
C MET A 146 4.93 25.55 1.05
N GLN A 147 5.30 26.62 0.29
CA GLN A 147 4.70 26.91 -1.01
C GLN A 147 4.96 25.79 -2.03
N LEU A 148 6.15 25.16 -1.97
CA LEU A 148 6.53 24.05 -2.83
C LEU A 148 5.81 22.74 -2.41
N VAL A 149 5.47 22.55 -1.11
CA VAL A 149 4.76 21.37 -0.61
C VAL A 149 3.30 21.48 -1.02
N GLU A 150 2.73 22.68 -0.95
CA GLU A 150 1.35 22.97 -1.39
C GLU A 150 1.25 22.76 -2.92
N LEU A 151 2.27 23.18 -3.69
CA LEU A 151 2.32 22.96 -5.13
C LEU A 151 2.37 21.45 -5.47
N ALA A 152 3.18 20.67 -4.74
CA ALA A 152 3.28 19.21 -4.88
C ALA A 152 1.95 18.56 -4.58
N ASN A 153 1.26 19.05 -3.57
CA ASN A 153 -0.05 18.51 -3.19
C ASN A 153 -1.11 18.82 -4.26
N GLU A 154 -1.12 20.06 -4.79
CA GLU A 154 -2.06 20.52 -5.82
C GLU A 154 -1.83 19.82 -7.16
N THR A 155 -0.60 19.40 -7.45
CA THR A 155 -0.24 18.80 -8.74
C THR A 155 -0.05 17.27 -8.68
N TRP A 156 -0.75 16.62 -7.72
CA TRP A 156 -0.86 15.17 -7.53
C TRP A 156 0.44 14.43 -7.16
N LEU A 157 1.45 15.09 -6.55
CA LEU A 157 2.69 14.40 -6.19
C LEU A 157 2.69 13.84 -4.74
N VAL A 158 1.69 14.22 -3.92
CA VAL A 158 1.61 13.79 -2.53
C VAL A 158 0.67 12.57 -2.33
N THR A 159 -0.53 12.54 -2.98
CA THR A 159 -1.53 11.45 -2.81
C THR A 159 -0.93 10.03 -3.03
N GLY A 160 -1.07 9.19 -1.98
CA GLY A 160 -0.62 7.80 -1.95
C GLY A 160 0.86 7.56 -1.68
N ARG A 161 1.65 8.64 -1.55
CA ARG A 161 3.09 8.59 -1.28
C ARG A 161 3.42 8.91 0.19
N HIS A 162 4.62 8.49 0.64
CA HIS A 162 5.12 8.84 1.95
C HIS A 162 5.32 10.36 1.95
N PRO A 163 4.86 11.08 3.00
CA PRO A 163 4.96 12.55 2.97
C PRO A 163 6.36 13.13 3.20
N LEU A 164 7.17 12.55 4.07
CA LEU A 164 8.49 13.11 4.38
C LEU A 164 9.45 13.24 3.15
N PRO A 165 9.59 12.27 2.22
CA PRO A 165 10.48 12.48 1.07
C PRO A 165 10.05 13.68 0.19
N VAL A 166 8.75 14.02 0.14
CA VAL A 166 8.18 15.17 -0.58
C VAL A 166 8.72 16.46 0.05
N ILE A 167 8.70 16.57 1.40
CA ILE A 167 9.22 17.72 2.15
C ILE A 167 10.77 17.78 2.03
N THR A 168 11.49 16.64 2.03
CA THR A 168 12.96 16.67 1.81
C THR A 168 13.29 17.31 0.45
N ALA A 169 12.59 16.88 -0.62
CA ALA A 169 12.78 17.40 -1.97
C ALA A 169 12.37 18.91 -2.07
N ALA A 170 11.28 19.31 -1.38
CA ALA A 170 10.82 20.71 -1.36
C ALA A 170 11.78 21.62 -0.59
N THR A 171 12.34 21.15 0.55
CA THR A 171 13.33 21.88 1.37
C THR A 171 14.60 22.16 0.54
N PHE A 172 15.10 21.16 -0.20
CA PHE A 172 16.29 21.27 -1.04
C PHE A 172 16.08 22.27 -2.15
N LEU A 173 14.94 22.19 -2.86
CA LEU A 173 14.58 23.14 -3.93
C LEU A 173 14.38 24.55 -3.41
N ALA A 174 13.80 24.73 -2.20
CA ALA A 174 13.62 26.05 -1.58
C ALA A 174 14.98 26.67 -1.31
N TRP A 175 15.90 25.87 -0.69
CA TRP A 175 17.27 26.25 -0.35
C TRP A 175 18.06 26.62 -1.62
N GLN A 176 18.07 25.76 -2.66
CA GLN A 176 18.74 26.06 -3.94
C GLN A 176 18.22 27.31 -4.61
N SER A 177 16.89 27.49 -4.70
CA SER A 177 16.25 28.60 -5.39
C SER A 177 16.46 29.94 -4.73
N LEU A 178 16.87 29.95 -3.44
CA LEU A 178 17.10 31.20 -2.70
C LEU A 178 18.48 31.82 -3.02
N GLN A 179 19.45 31.04 -3.58
CA GLN A 179 20.79 31.49 -4.04
C GLN A 179 21.23 30.53 -5.16
N PRO A 180 20.60 30.61 -6.37
CA PRO A 180 20.83 29.58 -7.40
C PRO A 180 22.25 29.49 -7.94
N ALA A 181 22.91 30.63 -8.17
CA ALA A 181 24.25 30.64 -8.75
C ALA A 181 25.26 29.85 -7.92
N ASP A 182 25.15 29.90 -6.59
CA ASP A 182 26.10 29.27 -5.68
C ASP A 182 25.64 27.92 -5.10
N ARG A 183 24.37 27.52 -5.32
CA ARG A 183 23.87 26.27 -4.72
C ARG A 183 23.51 25.18 -5.74
N LEU A 184 23.59 25.44 -7.06
CA LEU A 184 23.22 24.46 -8.10
C LEU A 184 24.21 23.32 -8.25
N SER A 185 25.45 23.49 -7.74
CA SER A 185 26.48 22.44 -7.78
C SER A 185 26.20 21.37 -6.72
N CYS A 186 25.44 21.72 -5.67
CA CYS A 186 25.11 20.83 -4.57
C CYS A 186 23.96 19.87 -4.91
N SER A 187 24.22 18.56 -4.77
CA SER A 187 23.22 17.50 -4.97
C SER A 187 22.35 17.34 -3.74
N LEU A 188 21.20 16.66 -3.90
CA LEU A 188 20.28 16.35 -2.81
C LEU A 188 20.98 15.56 -1.69
N ALA A 189 21.80 14.54 -2.04
CA ALA A 189 22.55 13.73 -1.07
C ALA A 189 23.59 14.55 -0.27
N ARG A 190 24.35 15.47 -0.91
CA ARG A 190 25.32 16.33 -0.23
C ARG A 190 24.62 17.29 0.72
N PHE A 191 23.48 17.87 0.27
CA PHE A 191 22.63 18.79 1.01
C PHE A 191 22.12 18.14 2.31
N CYS A 192 21.55 16.92 2.24
CA CYS A 192 21.05 16.26 3.45
C CYS A 192 22.18 15.96 4.43
N LYS A 193 23.38 15.64 3.92
CA LYS A 193 24.56 15.36 4.74
C LYS A 193 25.03 16.59 5.55
N LEU A 194 25.09 17.80 4.93
CA LEU A 194 25.57 18.99 5.63
C LEU A 194 24.49 19.57 6.56
N ALA A 195 23.20 19.50 6.14
CA ALA A 195 22.03 19.90 6.95
C ALA A 195 21.79 18.93 8.11
N ASN A 196 22.55 17.80 8.13
CA ASN A 196 22.56 16.72 9.12
C ASN A 196 21.16 16.08 9.27
N VAL A 197 20.62 15.62 8.13
CA VAL A 197 19.32 14.95 8.04
C VAL A 197 19.50 13.66 7.18
N ASP A 198 18.80 12.57 7.53
CA ASP A 198 18.86 11.35 6.76
C ASP A 198 18.24 11.57 5.39
N LEU A 199 18.80 10.99 4.33
CA LEU A 199 18.21 11.12 3.00
C LEU A 199 17.15 10.00 2.78
N PRO A 200 15.83 10.31 2.70
CA PRO A 200 14.85 9.25 2.43
C PRO A 200 14.97 8.82 0.98
N TYR A 201 14.95 7.48 0.75
CA TYR A 201 15.08 6.87 -0.56
C TYR A 201 14.14 7.53 -1.62
N PRO A 202 12.80 7.73 -1.40
CA PRO A 202 11.97 8.32 -2.47
C PRO A 202 12.19 9.81 -2.76
N ALA A 203 13.05 10.53 -1.98
CA ALA A 203 13.31 11.98 -2.13
C ALA A 203 13.85 12.37 -3.52
N SER A 204 14.68 11.52 -4.13
CA SER A 204 15.20 11.79 -5.49
C SER A 204 14.07 11.79 -6.54
N SER A 205 13.13 10.82 -6.46
CA SER A 205 11.98 10.74 -7.37
C SER A 205 11.06 11.94 -7.22
N ARG A 206 10.84 12.39 -5.97
CA ARG A 206 9.98 13.52 -5.65
C ARG A 206 10.55 14.81 -6.21
N LEU A 207 11.87 14.99 -6.09
CA LEU A 207 12.61 16.14 -6.61
C LEU A 207 12.37 16.27 -8.10
N GLN A 208 12.61 15.19 -8.87
CA GLN A 208 12.44 15.14 -10.32
C GLN A 208 10.99 15.39 -10.75
N GLU A 209 10.01 14.87 -10.03
CA GLU A 209 8.60 15.11 -10.29
C GLU A 209 8.26 16.57 -10.04
N LEU A 210 8.79 17.17 -8.95
CA LEU A 210 8.55 18.57 -8.59
C LEU A 210 9.15 19.53 -9.62
N LEU A 211 10.36 19.19 -10.14
CA LEU A 211 11.02 19.96 -11.18
C LEU A 211 10.25 19.88 -12.52
N ALA A 212 9.63 18.72 -12.82
CA ALA A 212 8.82 18.53 -14.02
C ALA A 212 7.51 19.34 -13.94
N VAL A 213 6.97 19.51 -12.73
CA VAL A 213 5.75 20.27 -12.51
C VAL A 213 6.05 21.77 -12.73
N LEU A 214 7.20 22.27 -12.20
CA LEU A 214 7.66 23.67 -12.38
C LEU A 214 7.98 23.94 -13.83
N LEU A 215 8.44 22.92 -14.58
CA LEU A 215 8.69 23.07 -16.01
C LEU A 215 7.39 23.19 -16.79
N ARG A 216 6.30 22.52 -16.37
CA ARG A 216 5.00 22.65 -17.03
C ARG A 216 4.43 24.04 -16.81
N MET A 217 4.60 24.58 -15.59
CA MET A 217 4.17 25.92 -15.23
C MET A 217 4.90 26.96 -16.03
N ALA A 218 6.23 26.79 -16.20
CA ALA A 218 7.10 27.69 -16.98
C ALA A 218 6.62 27.82 -18.42
N GLU A 219 6.01 26.75 -18.98
CA GLU A 219 5.44 26.72 -20.32
C GLU A 219 4.21 27.65 -20.47
N GLN A 220 3.57 28.05 -19.33
CA GLN A 220 2.39 28.92 -19.35
C GLN A 220 2.77 30.42 -19.46
N LEU A 221 4.06 30.76 -19.18
CA LEU A 221 4.59 32.11 -19.27
C LEU A 221 5.44 32.23 -20.54
N ALA A 222 5.01 33.09 -21.49
CA ALA A 222 5.66 33.30 -22.78
C ALA A 222 7.17 33.59 -22.69
N TRP A 223 7.59 34.41 -21.70
CA TRP A 223 9.01 34.76 -21.55
C TRP A 223 9.85 33.62 -20.96
N LEU A 224 9.20 32.61 -20.37
CA LEU A 224 9.91 31.45 -19.81
C LEU A 224 9.86 30.28 -20.79
N ARG A 225 8.78 30.19 -21.57
CA ARG A 225 8.54 29.16 -22.60
C ARG A 225 9.61 29.24 -23.69
N VAL A 226 10.00 30.48 -24.08
CA VAL A 226 10.99 30.81 -25.12
C VAL A 226 12.44 30.49 -24.68
N LEU A 227 12.70 30.33 -23.36
CA LEU A 227 14.03 30.04 -22.81
C LEU A 227 14.39 28.54 -22.87
N ARG A 228 13.40 27.66 -23.22
CA ARG A 228 13.51 26.18 -23.34
C ARG A 228 14.22 25.64 -22.10
N LEU A 229 13.63 25.86 -20.94
CA LEU A 229 14.24 25.52 -19.66
C LEU A 229 14.35 24.04 -19.42
N ASP A 230 15.30 23.65 -18.58
CA ASP A 230 15.53 22.28 -18.18
C ASP A 230 15.47 22.20 -16.67
N LYS A 231 15.66 21.00 -16.13
CA LYS A 231 15.58 20.78 -14.69
C LYS A 231 16.66 21.55 -13.90
N ARG A 232 17.69 22.09 -14.59
CA ARG A 232 18.76 22.84 -13.96
C ARG A 232 18.54 24.34 -14.12
N SER A 233 18.17 24.79 -15.33
CA SER A 233 17.96 26.22 -15.57
C SER A 233 16.63 26.74 -14.99
N VAL A 234 15.65 25.84 -14.66
CA VAL A 234 14.35 26.26 -14.12
C VAL A 234 14.52 26.77 -12.67
N VAL A 235 15.58 26.31 -11.95
CA VAL A 235 15.79 26.56 -10.53
C VAL A 235 15.88 28.07 -10.21
N LYS A 236 16.56 28.86 -11.07
CA LYS A 236 16.69 30.30 -10.83
C LYS A 236 15.38 31.06 -11.03
N HIS A 237 14.33 30.42 -11.57
CA HIS A 237 13.05 31.08 -11.82
C HIS A 237 11.94 30.61 -10.88
N ILE A 238 12.27 29.70 -9.95
CA ILE A 238 11.31 29.14 -8.98
C ILE A 238 10.60 30.28 -8.18
N GLY A 239 11.35 31.30 -7.76
CA GLY A 239 10.82 32.47 -7.05
C GLY A 239 9.69 33.15 -7.81
N ASP A 240 9.92 33.38 -9.13
CA ASP A 240 8.98 33.97 -10.08
C ASP A 240 7.76 33.07 -10.28
N LEU A 241 7.97 31.74 -10.44
CA LEU A 241 6.91 30.75 -10.65
C LEU A 241 5.99 30.60 -9.41
N LEU A 242 6.56 30.63 -8.19
CA LEU A 242 5.79 30.52 -6.95
C LEU A 242 4.99 31.82 -6.66
N GLN A 243 5.49 32.98 -7.10
CA GLN A 243 4.80 34.28 -6.96
C GLN A 243 3.43 34.22 -7.65
N HIS A 244 3.30 33.41 -8.71
CA HIS A 244 2.11 33.24 -9.52
C HIS A 244 1.66 31.77 -9.59
N ARG A 245 1.92 30.98 -8.53
CA ARG A 245 1.58 29.55 -8.52
C ARG A 245 0.09 29.28 -8.76
N GLN A 246 -0.84 30.02 -8.10
CA GLN A 246 -2.29 29.86 -8.26
C GLN A 246 -2.73 30.02 -9.74
N SER A 247 -2.29 31.11 -10.38
CA SER A 247 -2.57 31.44 -11.77
C SER A 247 -1.99 30.42 -12.76
N LEU A 248 -0.72 30.03 -12.56
CA LEU A 248 0.00 29.10 -13.43
C LEU A 248 -0.53 27.67 -13.36
N VAL A 249 -1.01 27.24 -12.16
CA VAL A 249 -1.54 25.88 -11.94
C VAL A 249 -2.90 25.77 -12.64
N ARG A 250 -3.78 26.80 -12.49
CA ARG A 250 -5.10 26.87 -13.13
C ARG A 250 -4.96 26.80 -14.65
N SER A 251 -3.99 27.56 -15.20
CA SER A 251 -3.68 27.66 -16.62
C SER A 251 -3.15 26.33 -17.19
N ALA A 252 -2.32 25.60 -16.39
CA ALA A 252 -1.71 24.31 -16.75
C ALA A 252 -2.72 23.18 -16.82
N PHE A 253 -3.72 23.18 -15.90
CA PHE A 253 -4.81 22.19 -15.84
C PHE A 253 -5.83 22.46 -16.94
N ARG A 254 -6.08 23.76 -17.25
CA ARG A 254 -7.00 24.28 -18.27
C ARG A 254 -6.59 23.81 -19.67
N ASP A 255 -5.27 23.76 -19.96
CA ASP A 255 -4.73 23.32 -21.24
C ASP A 255 -4.40 21.82 -21.21
N GLY A 256 -4.68 21.16 -22.33
CA GLY A 256 -4.44 19.73 -22.49
C GLY A 256 -5.38 18.86 -21.69
N LEU A 297 -3.93 17.25 -18.73
CA LEU A 297 -2.58 16.72 -18.90
C LEU A 297 -1.85 16.58 -17.54
N LEU A 298 -2.13 17.49 -16.58
CA LEU A 298 -1.54 17.44 -15.23
C LEU A 298 -2.27 16.35 -14.43
N LEU A 299 -1.57 15.21 -14.26
CA LEU A 299 -2.11 14.00 -13.66
C LEU A 299 -1.13 13.31 -12.69
N PRO A 300 -1.63 12.35 -11.84
CA PRO A 300 -0.72 11.61 -10.95
C PRO A 300 0.39 10.90 -11.74
N PRO A 301 1.65 10.96 -11.29
CA PRO A 301 2.74 10.35 -12.07
C PRO A 301 2.57 8.89 -12.48
N CYS A 302 1.83 8.08 -11.69
CA CYS A 302 1.60 6.66 -11.99
C CYS A 302 0.64 6.44 -13.21
N MET A 303 -0.08 7.51 -13.64
CA MET A 303 -1.02 7.47 -14.78
C MET A 303 -0.30 7.74 -16.10
N LEU A 304 0.69 8.66 -16.09
CA LEU A 304 1.47 9.03 -17.27
C LEU A 304 2.94 8.54 -17.12
N LYS A 305 3.24 7.35 -17.71
CA LYS A 305 2.26 6.56 -18.47
C LYS A 305 2.41 5.06 -18.22
N SER A 306 1.30 4.32 -18.44
CA SER A 306 1.22 2.87 -18.32
C SER A 306 1.23 2.23 -19.74
N PRO A 307 2.25 1.38 -20.07
CA PRO A 307 2.31 0.80 -21.42
C PRO A 307 1.20 -0.22 -21.74
N LYS A 308 0.85 -1.14 -20.81
CA LYS A 308 -0.17 -2.17 -21.06
C LYS A 308 -1.61 -1.59 -20.99
N ARG A 309 -2.08 -1.08 -22.15
CA ARG A 309 -3.39 -0.46 -22.36
C ARG A 309 -4.55 -1.49 -22.27
N ILE A 310 -4.28 -2.78 -22.55
CA ILE A 310 -5.27 -3.86 -22.48
C ILE A 310 -4.84 -4.84 -21.37
N CYS A 311 -5.67 -4.93 -20.30
CA CYS A 311 -5.49 -5.79 -19.12
C CYS A 311 -6.24 -7.15 -19.26
N PRO A 312 -7.38 -7.28 -20.01
CA PRO A 312 -8.05 -8.58 -20.12
C PRO A 312 -7.36 -9.50 -21.15
N VAL A 313 -6.07 -9.82 -20.88
CA VAL A 313 -5.20 -10.69 -21.70
C VAL A 313 -5.77 -12.15 -21.71
N PRO A 314 -6.26 -12.75 -20.57
CA PRO A 314 -6.83 -14.12 -20.67
C PRO A 314 -8.08 -14.16 -21.57
N PRO A 315 -8.18 -15.08 -22.56
CA PRO A 315 -9.35 -15.07 -23.46
C PRO A 315 -10.65 -15.48 -22.75
N VAL A 316 -11.80 -14.96 -23.26
CA VAL A 316 -13.13 -15.26 -22.74
C VAL A 316 -13.32 -16.79 -22.81
N SER A 317 -13.76 -17.39 -21.71
CA SER A 317 -13.89 -18.84 -21.55
C SER A 317 -15.28 -19.38 -21.84
N THR A 318 -15.33 -20.62 -22.30
CA THR A 318 -16.55 -21.36 -22.61
C THR A 318 -16.61 -22.62 -21.74
N VAL A 319 -15.83 -22.63 -20.63
CA VAL A 319 -15.74 -23.71 -19.63
C VAL A 319 -17.05 -23.73 -18.83
N THR A 320 -17.59 -24.94 -18.56
CA THR A 320 -18.83 -25.15 -17.80
C THR A 320 -18.56 -25.73 -16.40
N GLY A 321 -17.36 -26.31 -16.23
CA GLY A 321 -16.90 -26.95 -15.01
C GLY A 321 -17.33 -28.40 -14.90
N ASP A 322 -18.21 -28.86 -15.82
CA ASP A 322 -18.83 -30.19 -15.88
C ASP A 322 -18.23 -31.14 -16.95
N GLU A 323 -17.31 -30.64 -17.81
CA GLU A 323 -16.71 -31.44 -18.90
C GLU A 323 -15.93 -32.65 -18.39
N ASN A 324 -15.87 -33.71 -19.21
CA ASN A 324 -15.16 -34.95 -18.89
C ASN A 324 -13.66 -34.70 -18.71
N ILE A 325 -13.08 -35.38 -17.72
CA ILE A 325 -11.66 -35.33 -17.41
C ILE A 325 -11.11 -36.72 -17.78
N SER A 326 -10.35 -36.76 -18.90
CA SER A 326 -9.75 -37.98 -19.43
C SER A 326 -8.61 -38.47 -18.55
N ASP A 327 -8.28 -39.78 -18.66
CA ASP A 327 -7.21 -40.40 -17.89
C ASP A 327 -5.83 -39.87 -18.30
N SER A 328 -5.65 -39.55 -19.61
CA SER A 328 -4.41 -39.01 -20.18
C SER A 328 -4.14 -37.61 -19.63
N GLU A 329 -5.20 -36.82 -19.42
CA GLU A 329 -5.11 -35.47 -18.88
C GLU A 329 -4.53 -35.51 -17.45
N ILE A 330 -4.95 -36.49 -16.64
CA ILE A 330 -4.50 -36.64 -15.26
C ILE A 330 -3.10 -37.32 -15.18
N GLU A 331 -2.85 -38.39 -15.98
CA GLU A 331 -1.61 -39.19 -15.94
C GLU A 331 -0.34 -38.34 -16.15
N GLN A 332 -0.46 -37.19 -16.82
CA GLN A 332 0.66 -36.30 -17.07
C GLN A 332 1.18 -35.64 -15.77
N TYR A 333 0.37 -35.67 -14.69
CA TYR A 333 0.73 -35.09 -13.41
C TYR A 333 1.26 -36.14 -12.43
N LEU A 334 1.39 -37.39 -12.90
CA LEU A 334 1.88 -38.53 -12.09
C LEU A 334 3.27 -38.97 -12.47
N ARG A 335 4.11 -39.27 -11.47
CA ARG A 335 5.46 -39.77 -11.69
C ARG A 335 5.37 -41.21 -12.08
N THR A 336 6.24 -41.65 -12.99
CA THR A 336 6.29 -43.03 -13.44
C THR A 336 6.94 -43.88 -12.35
N PRO A 337 6.76 -45.24 -12.31
CA PRO A 337 7.46 -46.02 -11.27
C PRO A 337 8.98 -45.80 -11.30
N GLN A 338 9.59 -45.60 -12.49
CA GLN A 338 11.03 -45.28 -12.62
C GLN A 338 11.38 -43.95 -11.98
N GLU A 339 10.61 -42.85 -12.28
CA GLU A 339 10.83 -41.52 -11.69
C GLU A 339 10.75 -41.62 -10.17
N VAL A 340 9.81 -42.43 -9.62
CA VAL A 340 9.63 -42.62 -8.17
C VAL A 340 10.88 -43.31 -7.57
N ARG A 341 11.35 -44.43 -8.19
CA ARG A 341 12.52 -45.20 -7.75
C ARG A 341 13.78 -44.32 -7.75
N ASP A 342 13.96 -43.51 -8.80
CA ASP A 342 15.11 -42.60 -8.95
C ASP A 342 15.08 -41.51 -7.90
N PHE A 343 13.88 -41.02 -7.51
CA PHE A 343 13.69 -40.01 -6.46
C PHE A 343 13.97 -40.60 -5.08
N GLN A 344 13.38 -41.78 -4.78
CA GLN A 344 13.57 -42.52 -3.53
C GLN A 344 15.04 -42.87 -3.27
N ARG A 345 15.76 -43.38 -4.30
CA ARG A 345 17.19 -43.73 -4.20
C ARG A 345 18.01 -42.47 -3.86
N ALA A 346 17.66 -41.32 -4.47
CA ALA A 346 18.31 -40.03 -4.30
C ALA A 346 18.12 -39.46 -2.90
N GLN A 347 17.03 -39.83 -2.21
CA GLN A 347 16.73 -39.36 -0.86
C GLN A 347 17.18 -40.38 0.22
N ALA A 348 17.71 -41.55 -0.21
CA ALA A 348 18.20 -42.61 0.68
C ALA A 348 19.71 -42.50 0.85
N PRO B 2 -26.03 3.32 -16.10
CA PRO B 2 -24.80 2.58 -15.76
C PRO B 2 -23.54 3.32 -16.19
N SER B 3 -22.37 2.87 -15.67
CA SER B 3 -21.05 3.44 -15.96
C SER B 3 -20.55 3.10 -17.35
N GLY B 4 -20.92 1.91 -17.82
CA GLY B 4 -20.46 1.36 -19.09
C GLY B 4 -19.17 0.57 -18.90
N ILE B 5 -18.71 0.44 -17.63
CA ILE B 5 -17.49 -0.27 -17.23
C ILE B 5 -17.89 -1.58 -16.51
N VAL B 6 -17.28 -2.69 -16.93
CA VAL B 6 -17.52 -4.01 -16.34
C VAL B 6 -16.25 -4.48 -15.59
N PRO B 7 -16.29 -4.70 -14.25
CA PRO B 7 -15.09 -5.22 -13.56
C PRO B 7 -14.70 -6.62 -14.06
N GLN B 8 -13.39 -6.87 -14.19
CA GLN B 8 -12.86 -8.13 -14.67
C GLN B 8 -12.48 -9.00 -13.49
N LEU B 9 -12.92 -10.27 -13.46
CA LEU B 9 -12.54 -11.20 -12.36
C LEU B 9 -11.10 -11.66 -12.57
N GLN B 10 -10.27 -11.52 -11.54
CA GLN B 10 -8.86 -11.87 -11.60
C GLN B 10 -8.57 -13.19 -10.92
N ASN B 11 -9.21 -13.46 -9.80
CA ASN B 11 -8.93 -14.65 -9.02
C ASN B 11 -10.13 -15.19 -8.33
N ILE B 12 -10.24 -16.53 -8.21
CA ILE B 12 -11.31 -17.17 -7.44
C ILE B 12 -10.67 -18.10 -6.41
N VAL B 13 -11.09 -17.99 -5.14
CA VAL B 13 -10.61 -18.90 -4.09
C VAL B 13 -11.78 -19.80 -3.78
N SER B 14 -11.60 -21.12 -3.94
CA SER B 14 -12.64 -22.11 -3.67
C SER B 14 -12.12 -23.21 -2.77
N THR B 15 -13.00 -23.90 -2.07
CA THR B 15 -12.59 -24.99 -1.18
C THR B 15 -13.36 -26.26 -1.51
N VAL B 16 -12.83 -27.43 -1.13
CA VAL B 16 -13.50 -28.72 -1.34
C VAL B 16 -12.91 -29.73 -0.35
N ASN B 17 -13.78 -30.63 0.15
CA ASN B 17 -13.41 -31.70 1.04
C ASN B 17 -13.35 -32.97 0.26
N LEU B 18 -12.19 -33.61 0.25
CA LEU B 18 -11.99 -34.86 -0.47
C LEU B 18 -12.47 -36.05 0.36
N GLY B 19 -13.02 -35.74 1.54
CA GLY B 19 -13.64 -36.67 2.46
C GLY B 19 -12.82 -37.83 2.99
N CYS B 20 -11.49 -37.77 2.91
CA CYS B 20 -10.64 -38.86 3.40
C CYS B 20 -9.32 -38.30 3.90
N LYS B 21 -8.67 -38.99 4.86
CA LYS B 21 -7.35 -38.59 5.35
C LYS B 21 -6.30 -38.91 4.27
N LEU B 22 -5.30 -38.02 4.14
CA LEU B 22 -4.26 -38.15 3.11
C LEU B 22 -2.84 -38.18 3.69
N ASP B 23 -1.95 -38.98 3.06
CA ASP B 23 -0.53 -39.07 3.41
C ASP B 23 0.21 -38.15 2.44
N LEU B 24 0.58 -36.98 2.96
CA LEU B 24 1.21 -35.94 2.16
C LEU B 24 2.56 -36.35 1.62
N LYS B 25 3.32 -37.20 2.32
CA LYS B 25 4.63 -37.70 1.90
C LYS B 25 4.49 -38.51 0.62
N THR B 26 3.39 -39.30 0.52
CA THR B 26 3.04 -40.15 -0.64
C THR B 26 2.69 -39.27 -1.84
N ILE B 27 1.85 -38.24 -1.64
CA ILE B 27 1.43 -37.31 -2.70
C ILE B 27 2.67 -36.59 -3.28
N ALA B 28 3.56 -36.08 -2.41
CA ALA B 28 4.77 -35.37 -2.78
C ALA B 28 5.76 -36.25 -3.54
N LEU B 29 5.86 -37.52 -3.15
CA LEU B 29 6.73 -38.48 -3.79
C LEU B 29 6.18 -39.01 -5.12
N ARG B 30 4.86 -39.19 -5.24
CA ARG B 30 4.27 -39.82 -6.41
C ARG B 30 3.67 -38.86 -7.46
N ALA B 31 3.46 -37.58 -7.14
CA ALA B 31 2.99 -36.61 -8.13
C ALA B 31 4.18 -35.82 -8.73
N ARG B 32 3.99 -35.29 -9.95
CA ARG B 32 5.01 -34.49 -10.63
C ARG B 32 4.92 -33.00 -10.26
N ASN B 33 3.69 -32.53 -10.00
CA ASN B 33 3.32 -31.14 -9.77
C ASN B 33 3.15 -30.75 -8.27
N ALA B 34 3.64 -31.58 -7.33
CA ALA B 34 3.52 -31.34 -5.88
C ALA B 34 4.83 -30.85 -5.26
N GLU B 35 4.70 -29.93 -4.31
CA GLU B 35 5.77 -29.25 -3.57
C GLU B 35 5.41 -29.39 -2.09
N TYR B 36 6.30 -29.96 -1.29
CA TYR B 36 6.02 -30.26 0.11
C TYR B 36 7.28 -30.09 0.99
N ASN B 37 7.25 -29.09 1.90
CA ASN B 37 8.31 -28.76 2.87
C ASN B 37 7.63 -28.66 4.23
N PRO B 38 7.36 -29.81 4.91
CA PRO B 38 6.56 -29.79 6.16
C PRO B 38 7.09 -28.90 7.28
N LYS B 39 8.42 -28.68 7.36
CA LYS B 39 9.06 -27.79 8.33
C LYS B 39 8.61 -26.33 8.08
N ARG B 40 8.49 -25.92 6.78
CA ARG B 40 8.09 -24.60 6.32
C ARG B 40 6.56 -24.40 6.37
N PHE B 41 5.80 -25.27 5.68
CA PHE B 41 4.33 -25.23 5.61
C PHE B 41 3.77 -26.65 5.55
N ALA B 42 2.77 -26.94 6.40
CA ALA B 42 2.15 -28.24 6.62
C ALA B 42 1.29 -28.85 5.50
N ALA B 43 1.10 -28.18 4.36
CA ALA B 43 0.29 -28.71 3.25
C ALA B 43 1.10 -28.93 2.00
N VAL B 44 0.56 -29.74 1.08
CA VAL B 44 1.17 -29.97 -0.25
C VAL B 44 0.69 -28.84 -1.17
N ILE B 45 1.61 -28.20 -1.90
CA ILE B 45 1.28 -27.16 -2.88
C ILE B 45 1.30 -27.86 -4.27
N MET B 46 0.14 -28.00 -4.91
CA MET B 46 0.00 -28.68 -6.20
C MET B 46 -0.41 -27.70 -7.28
N ARG B 47 0.13 -27.84 -8.49
CA ARG B 47 -0.20 -26.94 -9.59
C ARG B 47 -0.59 -27.70 -10.84
N ILE B 48 -1.59 -27.22 -11.58
CA ILE B 48 -2.00 -27.82 -12.85
C ILE B 48 -1.88 -26.68 -13.89
N ARG B 49 -1.67 -27.05 -15.17
CA ARG B 49 -1.47 -26.10 -16.26
C ARG B 49 -2.79 -25.57 -16.84
N GLU B 50 -3.87 -26.37 -16.80
CA GLU B 50 -5.14 -25.93 -17.35
C GLU B 50 -6.35 -26.48 -16.59
N PRO B 51 -7.18 -25.62 -15.95
CA PRO B 51 -7.02 -24.15 -15.78
C PRO B 51 -5.80 -23.88 -14.89
N ARG B 52 -4.99 -22.84 -15.21
CA ARG B 52 -3.79 -22.51 -14.47
C ARG B 52 -4.16 -22.02 -13.08
N THR B 53 -4.00 -22.92 -12.10
CA THR B 53 -4.32 -22.73 -10.68
C THR B 53 -3.26 -23.33 -9.75
N THR B 54 -3.46 -23.16 -8.42
CA THR B 54 -2.67 -23.72 -7.34
C THR B 54 -3.62 -24.26 -6.29
N ALA B 55 -3.38 -25.49 -5.82
CA ALA B 55 -4.14 -26.13 -4.75
C ALA B 55 -3.27 -26.46 -3.57
N LEU B 56 -3.79 -26.22 -2.36
CA LEU B 56 -3.15 -26.57 -1.09
C LEU B 56 -3.90 -27.77 -0.61
N ILE B 57 -3.24 -28.91 -0.47
CA ILE B 57 -3.88 -30.14 -0.02
C ILE B 57 -3.36 -30.46 1.36
N PHE B 58 -4.28 -30.60 2.33
CA PHE B 58 -4.03 -30.85 3.76
C PHE B 58 -4.25 -32.32 4.08
N SER B 59 -3.52 -32.82 5.07
CA SER B 59 -3.58 -34.21 5.50
C SER B 59 -4.97 -34.62 5.98
N SER B 60 -5.84 -33.64 6.31
CA SER B 60 -7.22 -33.84 6.77
C SER B 60 -8.18 -34.19 5.62
N GLY B 61 -7.70 -34.03 4.37
CA GLY B 61 -8.48 -34.25 3.17
C GLY B 61 -9.07 -32.98 2.60
N LYS B 62 -9.01 -31.87 3.35
CA LYS B 62 -9.52 -30.59 2.91
C LYS B 62 -8.55 -29.94 1.89
N MET B 63 -9.10 -29.18 0.93
CA MET B 63 -8.29 -28.59 -0.13
C MET B 63 -8.76 -27.17 -0.48
N VAL B 64 -7.81 -26.28 -0.76
CA VAL B 64 -8.04 -24.88 -1.18
C VAL B 64 -7.56 -24.73 -2.62
N CYS B 65 -8.38 -24.17 -3.53
CA CYS B 65 -8.03 -23.93 -4.92
C CYS B 65 -8.01 -22.40 -5.20
N THR B 66 -6.88 -21.88 -5.71
CA THR B 66 -6.64 -20.44 -5.99
C THR B 66 -6.22 -20.18 -7.44
N GLY B 67 -6.37 -18.94 -7.91
CA GLY B 67 -5.87 -18.50 -9.20
C GLY B 67 -6.76 -18.51 -10.43
N ALA B 68 -7.94 -19.20 -10.39
CA ALA B 68 -8.86 -19.30 -11.53
C ALA B 68 -9.49 -17.95 -11.83
N LYS B 69 -9.89 -17.74 -13.10
CA LYS B 69 -10.46 -16.48 -13.57
C LYS B 69 -12.01 -16.52 -13.71
N SER B 70 -12.64 -17.70 -13.49
CA SER B 70 -14.09 -17.90 -13.51
C SER B 70 -14.44 -18.99 -12.53
N GLU B 71 -15.68 -18.96 -12.02
CA GLU B 71 -16.23 -19.90 -11.02
C GLU B 71 -16.33 -21.32 -11.60
N GLU B 72 -16.49 -21.41 -12.92
CA GLU B 72 -16.56 -22.64 -13.70
C GLU B 72 -15.17 -23.27 -13.80
N GLN B 73 -14.14 -22.44 -14.09
CA GLN B 73 -12.73 -22.83 -14.17
C GLN B 73 -12.25 -23.32 -12.83
N SER B 74 -12.66 -22.64 -11.73
CA SER B 74 -12.32 -23.01 -10.36
C SER B 74 -12.87 -24.39 -10.00
N ARG B 75 -14.09 -24.73 -10.46
CA ARG B 75 -14.70 -26.03 -10.21
C ARG B 75 -13.98 -27.12 -11.01
N LEU B 76 -13.69 -26.88 -12.31
CA LEU B 76 -13.00 -27.83 -13.19
C LEU B 76 -11.60 -28.14 -12.67
N ALA B 77 -10.86 -27.11 -12.20
CA ALA B 77 -9.53 -27.25 -11.64
C ALA B 77 -9.57 -28.08 -10.36
N ALA B 78 -10.53 -27.79 -9.47
CA ALA B 78 -10.75 -28.48 -8.20
C ALA B 78 -11.01 -29.98 -8.42
N ARG B 79 -11.83 -30.32 -9.45
CA ARG B 79 -12.14 -31.69 -9.84
C ARG B 79 -10.89 -32.42 -10.38
N LYS B 80 -9.99 -31.67 -11.10
CA LYS B 80 -8.74 -32.22 -11.65
C LYS B 80 -7.77 -32.57 -10.54
N TYR B 81 -7.63 -31.71 -9.49
CA TYR B 81 -6.80 -32.00 -8.30
C TYR B 81 -7.31 -33.22 -7.58
N ALA B 82 -8.67 -33.35 -7.48
CA ALA B 82 -9.34 -34.48 -6.82
C ALA B 82 -9.05 -35.77 -7.58
N ARG B 83 -9.06 -35.72 -8.94
CA ARG B 83 -8.78 -36.85 -9.81
C ARG B 83 -7.32 -37.27 -9.74
N VAL B 84 -6.37 -36.31 -9.57
CA VAL B 84 -4.92 -36.60 -9.42
C VAL B 84 -4.73 -37.39 -8.11
N VAL B 85 -5.30 -36.91 -6.99
CA VAL B 85 -5.27 -37.52 -5.66
C VAL B 85 -5.84 -38.96 -5.71
N GLN B 86 -6.96 -39.18 -6.44
CA GLN B 86 -7.61 -40.49 -6.61
C GLN B 86 -6.65 -41.50 -7.27
N LYS B 87 -6.02 -41.11 -8.40
CA LYS B 87 -5.05 -41.90 -9.16
C LYS B 87 -3.81 -42.23 -8.33
N LEU B 88 -3.53 -41.44 -7.27
CA LEU B 88 -2.40 -41.65 -6.35
C LEU B 88 -2.74 -42.72 -5.27
N GLY B 89 -3.96 -43.28 -5.33
CA GLY B 89 -4.38 -44.37 -4.46
C GLY B 89 -5.31 -44.07 -3.29
N PHE B 90 -5.78 -42.81 -3.17
CA PHE B 90 -6.66 -42.35 -2.09
C PHE B 90 -8.14 -42.36 -2.49
N PRO B 91 -9.05 -42.80 -1.59
CA PRO B 91 -10.49 -42.84 -1.96
C PRO B 91 -11.15 -41.45 -1.85
N ALA B 92 -10.66 -40.51 -2.68
CA ALA B 92 -11.09 -39.11 -2.70
C ALA B 92 -12.48 -38.95 -3.30
N LYS B 93 -13.27 -38.07 -2.68
CA LYS B 93 -14.61 -37.67 -3.07
C LYS B 93 -14.60 -36.15 -3.35
N PHE B 94 -15.66 -35.60 -3.95
CA PHE B 94 -15.73 -34.18 -4.26
C PHE B 94 -16.90 -33.57 -3.48
N LEU B 95 -16.66 -33.32 -2.17
CA LEU B 95 -17.68 -32.84 -1.24
C LEU B 95 -17.54 -31.38 -0.84
N ASP B 96 -18.68 -30.69 -0.74
CA ASP B 96 -18.90 -29.34 -0.24
C ASP B 96 -18.06 -28.25 -0.95
N PHE B 97 -17.95 -28.36 -2.29
CA PHE B 97 -17.26 -27.35 -3.11
C PHE B 97 -17.95 -26.01 -2.89
N LYS B 98 -17.20 -24.98 -2.61
CA LYS B 98 -17.73 -23.65 -2.37
C LYS B 98 -16.74 -22.58 -2.80
N ILE B 99 -17.24 -21.54 -3.52
CA ILE B 99 -16.47 -20.34 -3.89
C ILE B 99 -16.41 -19.50 -2.62
N GLN B 100 -15.21 -19.24 -2.12
CA GLN B 100 -14.98 -18.51 -0.86
C GLN B 100 -14.64 -17.03 -1.04
N ASN B 101 -13.98 -16.68 -2.13
CA ASN B 101 -13.57 -15.32 -2.38
C ASN B 101 -13.41 -15.10 -3.87
N MET B 102 -13.71 -13.87 -4.31
CA MET B 102 -13.59 -13.41 -5.69
C MET B 102 -13.02 -12.03 -5.68
N VAL B 103 -12.09 -11.78 -6.60
CA VAL B 103 -11.36 -10.51 -6.73
C VAL B 103 -11.62 -9.97 -8.14
N GLY B 104 -12.04 -8.72 -8.22
CA GLY B 104 -12.33 -8.05 -9.47
C GLY B 104 -11.51 -6.80 -9.59
N SER B 105 -11.31 -6.30 -10.81
CA SER B 105 -10.55 -5.07 -11.01
C SER B 105 -11.17 -4.26 -12.10
N CYS B 106 -11.01 -2.94 -11.95
CA CYS B 106 -11.60 -1.89 -12.74
C CYS B 106 -10.69 -0.69 -12.95
N ASP B 107 -11.00 0.12 -13.95
CA ASP B 107 -10.34 1.42 -14.17
C ASP B 107 -11.44 2.40 -14.55
N VAL B 108 -11.59 3.48 -13.75
CA VAL B 108 -12.60 4.50 -14.00
C VAL B 108 -12.04 5.56 -14.99
N LYS B 109 -10.72 5.51 -15.24
CA LYS B 109 -9.91 6.29 -16.18
C LYS B 109 -9.92 7.78 -15.90
N PHE B 110 -9.85 8.15 -14.60
CA PHE B 110 -9.74 9.55 -14.14
C PHE B 110 -9.10 9.58 -12.76
N PRO B 111 -8.30 10.62 -12.42
CA PRO B 111 -7.65 10.60 -11.09
C PRO B 111 -8.61 10.84 -9.92
N ILE B 112 -8.29 10.24 -8.74
CA ILE B 112 -9.10 10.36 -7.52
C ILE B 112 -8.30 11.03 -6.37
N ARG B 113 -8.85 12.09 -5.79
CA ARG B 113 -8.30 12.77 -4.61
C ARG B 113 -8.73 11.96 -3.38
N LEU B 114 -7.94 10.92 -3.05
CA LEU B 114 -8.16 10.01 -1.92
C LEU B 114 -8.28 10.78 -0.59
N GLU B 115 -7.49 11.88 -0.42
CA GLU B 115 -7.47 12.76 0.77
C GLU B 115 -8.83 13.43 1.01
N GLY B 116 -9.61 13.57 -0.06
CA GLY B 116 -10.94 14.16 -0.05
C GLY B 116 -12.00 13.11 0.21
N LEU B 117 -11.87 11.96 -0.46
CA LEU B 117 -12.76 10.81 -0.32
C LEU B 117 -12.78 10.28 1.13
N VAL B 118 -11.62 10.26 1.84
CA VAL B 118 -11.53 9.82 3.23
C VAL B 118 -12.24 10.85 4.17
N LEU B 119 -12.53 12.07 3.69
CA LEU B 119 -13.24 13.05 4.52
C LEU B 119 -14.73 12.98 4.30
N THR B 120 -15.17 12.84 3.04
CA THR B 120 -16.60 12.82 2.73
C THR B 120 -17.23 11.45 3.08
N HIS B 121 -16.45 10.37 2.99
CA HIS B 121 -16.91 9.00 3.25
C HIS B 121 -16.07 8.33 4.32
N GLN B 122 -15.76 9.08 5.39
CA GLN B 122 -14.93 8.59 6.50
C GLN B 122 -15.45 7.34 7.18
N GLN B 123 -16.79 7.19 7.31
CA GLN B 123 -17.37 6.05 8.00
C GLN B 123 -17.05 4.71 7.28
N PHE B 124 -16.60 4.75 6.01
CA PHE B 124 -16.25 3.53 5.26
C PHE B 124 -14.79 3.52 4.82
N SER B 125 -14.13 4.67 4.85
CA SER B 125 -12.78 4.87 4.34
C SER B 125 -11.68 4.89 5.37
N SER B 126 -10.54 4.33 4.96
CA SER B 126 -9.28 4.33 5.69
C SER B 126 -8.16 4.65 4.71
N TYR B 127 -7.49 5.77 4.88
CA TYR B 127 -6.41 6.15 3.98
C TYR B 127 -5.26 6.67 4.82
N GLU B 128 -4.14 5.88 4.84
CA GLU B 128 -2.93 6.17 5.61
C GLU B 128 -1.75 6.01 4.67
N PRO B 129 -1.39 7.10 3.94
CA PRO B 129 -0.35 7.00 2.88
C PRO B 129 1.07 6.67 3.39
N GLU B 130 1.31 6.78 4.72
CA GLU B 130 2.54 6.37 5.36
C GLU B 130 2.61 4.84 5.38
N LEU B 131 1.47 4.15 5.15
CA LEU B 131 1.36 2.69 5.21
C LEU B 131 1.05 2.00 3.87
N PHE B 132 0.10 2.56 3.11
CA PHE B 132 -0.34 1.93 1.86
C PHE B 132 -0.84 3.02 0.88
N PRO B 133 -0.61 2.93 -0.45
CA PRO B 133 -1.05 4.01 -1.37
C PRO B 133 -2.54 4.09 -1.67
N GLY B 134 -3.27 3.01 -1.43
CA GLY B 134 -4.69 2.93 -1.72
C GLY B 134 -5.57 3.25 -0.55
N LEU B 135 -6.79 3.70 -0.85
CA LEU B 135 -7.80 3.95 0.14
C LEU B 135 -8.55 2.64 0.28
N ILE B 136 -8.70 2.15 1.49
CA ILE B 136 -9.44 0.91 1.81
C ILE B 136 -10.88 1.32 2.15
N TYR B 137 -11.81 0.97 1.26
CA TYR B 137 -13.23 1.30 1.41
C TYR B 137 -13.97 0.01 1.79
N ARG B 138 -14.61 0.03 2.97
CA ARG B 138 -15.36 -1.12 3.47
C ARG B 138 -16.85 -0.86 3.27
N MET B 139 -17.40 -1.32 2.13
CA MET B 139 -18.81 -1.18 1.76
C MET B 139 -19.62 -2.14 2.56
N ILE B 140 -20.80 -1.72 3.01
CA ILE B 140 -21.64 -2.56 3.82
C ILE B 140 -22.62 -3.33 2.92
N LYS B 141 -23.26 -2.67 1.93
CA LYS B 141 -24.17 -3.36 1.03
C LYS B 141 -23.75 -3.17 -0.45
N PRO B 142 -23.18 -4.23 -1.12
CA PRO B 142 -22.85 -5.55 -0.57
C PRO B 142 -21.61 -5.48 0.31
N ARG B 143 -21.34 -6.49 1.16
CA ARG B 143 -20.16 -6.48 2.04
C ARG B 143 -18.88 -6.74 1.22
N ILE B 144 -18.33 -5.68 0.63
CA ILE B 144 -17.15 -5.77 -0.22
C ILE B 144 -16.10 -4.76 0.24
N VAL B 145 -14.82 -5.13 0.13
CA VAL B 145 -13.68 -4.26 0.41
C VAL B 145 -13.15 -3.79 -0.94
N LEU B 146 -13.04 -2.46 -1.10
CA LEU B 146 -12.51 -1.88 -2.33
C LEU B 146 -11.22 -1.16 -2.03
N LEU B 147 -10.20 -1.39 -2.85
CA LEU B 147 -8.93 -0.65 -2.77
C LEU B 147 -8.96 0.35 -3.91
N ILE B 148 -9.04 1.64 -3.58
CA ILE B 148 -9.19 2.74 -4.55
C ILE B 148 -7.86 3.46 -4.63
N PHE B 149 -7.31 3.61 -5.84
CA PHE B 149 -6.00 4.23 -6.06
C PHE B 149 -6.14 5.59 -6.74
N VAL B 150 -5.07 6.41 -6.65
CA VAL B 150 -5.04 7.78 -7.21
C VAL B 150 -5.25 7.77 -8.74
N SER B 151 -4.88 6.66 -9.38
CA SER B 151 -4.95 6.47 -10.82
C SER B 151 -6.38 6.24 -11.34
N GLY B 152 -7.30 5.92 -10.43
CA GLY B 152 -8.67 5.60 -10.80
C GLY B 152 -8.82 4.12 -10.92
N LYS B 153 -7.74 3.35 -10.72
CA LYS B 153 -7.82 1.90 -10.75
C LYS B 153 -8.40 1.44 -9.39
N VAL B 154 -9.34 0.51 -9.44
CA VAL B 154 -10.09 -0.02 -8.29
C VAL B 154 -9.94 -1.51 -8.23
N VAL B 155 -9.71 -2.06 -7.02
CA VAL B 155 -9.65 -3.51 -6.79
C VAL B 155 -10.85 -3.84 -5.87
N LEU B 156 -11.67 -4.84 -6.24
CA LEU B 156 -12.83 -5.26 -5.44
C LEU B 156 -12.60 -6.68 -4.96
N THR B 157 -12.76 -6.93 -3.66
CA THR B 157 -12.49 -8.26 -3.10
C THR B 157 -13.47 -8.57 -1.97
N GLY B 158 -13.59 -9.84 -1.62
CA GLY B 158 -14.46 -10.29 -0.53
C GLY B 158 -15.80 -10.87 -0.97
N ALA B 159 -16.02 -10.99 -2.30
CA ALA B 159 -17.27 -11.48 -2.88
C ALA B 159 -17.34 -13.00 -2.92
N LYS B 160 -18.56 -13.53 -2.71
CA LYS B 160 -18.89 -14.94 -2.75
C LYS B 160 -19.51 -15.30 -4.12
N VAL B 161 -20.15 -14.30 -4.77
CA VAL B 161 -20.78 -14.41 -6.10
C VAL B 161 -20.40 -13.19 -6.93
N ARG B 162 -20.32 -13.41 -8.25
CA ARG B 162 -20.00 -12.44 -9.31
C ARG B 162 -20.80 -11.12 -9.18
N ALA B 163 -22.13 -11.21 -8.92
CA ALA B 163 -23.05 -10.08 -8.79
C ALA B 163 -22.61 -9.07 -7.70
N GLU B 164 -22.02 -9.54 -6.58
CA GLU B 164 -21.56 -8.68 -5.50
C GLU B 164 -20.42 -7.76 -5.96
N ILE B 165 -19.56 -8.22 -6.91
CA ILE B 165 -18.47 -7.42 -7.49
C ILE B 165 -19.09 -6.31 -8.35
N TYR B 166 -20.06 -6.68 -9.22
CA TYR B 166 -20.73 -5.74 -10.13
C TYR B 166 -21.55 -4.71 -9.37
N GLU B 167 -22.25 -5.14 -8.31
CA GLU B 167 -23.09 -4.28 -7.46
C GLU B 167 -22.24 -3.22 -6.75
N ALA B 168 -21.10 -3.65 -6.15
CA ALA B 168 -20.17 -2.79 -5.42
C ALA B 168 -19.54 -1.77 -6.35
N PHE B 169 -19.21 -2.17 -7.60
CA PHE B 169 -18.64 -1.22 -8.56
C PHE B 169 -19.69 -0.20 -9.02
N GLU B 170 -20.95 -0.63 -9.25
CA GLU B 170 -21.98 0.31 -9.69
C GLU B 170 -22.29 1.30 -8.58
N ASN B 171 -22.14 0.89 -7.29
CA ASN B 171 -22.33 1.75 -6.12
C ASN B 171 -21.19 2.75 -5.96
N ILE B 172 -19.93 2.32 -6.19
CA ILE B 172 -18.80 3.20 -5.99
C ILE B 172 -18.63 4.22 -7.13
N TYR B 173 -19.00 3.87 -8.37
CA TYR B 173 -18.81 4.74 -9.52
C TYR B 173 -19.40 6.18 -9.33
N PRO B 174 -20.67 6.40 -8.88
CA PRO B 174 -21.14 7.80 -8.70
C PRO B 174 -20.41 8.52 -7.56
N ILE B 175 -19.97 7.79 -6.52
CA ILE B 175 -19.18 8.34 -5.38
C ILE B 175 -17.84 8.87 -5.93
N LEU B 176 -17.18 8.09 -6.81
CA LEU B 176 -15.91 8.48 -7.40
C LEU B 176 -16.07 9.60 -8.44
N LYS B 177 -17.14 9.56 -9.26
CA LYS B 177 -17.39 10.57 -10.29
C LYS B 177 -17.74 11.94 -9.69
N GLY B 178 -18.67 11.97 -8.73
CA GLY B 178 -19.12 13.19 -8.08
C GLY B 178 -18.27 13.63 -6.91
#